data_8W17
#
_entry.id   8W17
#
_entity_poly.entity_id   1
_entity_poly.type   'polypeptide(L)'
_entity_poly.pdbx_seq_one_letter_code
;EGCCTDPRCR(IYR)QCYK
;
_entity_poly.pdbx_strand_id   A
#
# COMPACT_ATOMS: atom_id res chain seq x y z
N GLU A 1 0.58 -0.94 7.54
CA GLU A 1 0.83 0.43 7.96
C GLU A 1 -0.25 1.36 7.43
N GLY A 2 -1.49 0.85 7.37
CA GLY A 2 -2.59 1.66 6.87
C GLY A 2 -2.30 2.28 5.52
N CYS A 3 -1.52 1.58 4.70
CA CYS A 3 -1.16 2.07 3.38
C CYS A 3 -1.67 1.13 2.29
N CYS A 4 -1.75 -0.15 2.63
CA CYS A 4 -2.22 -1.16 1.68
C CYS A 4 -3.54 -0.73 1.04
N THR A 5 -4.37 -0.07 1.81
CA THR A 5 -5.67 0.40 1.32
C THR A 5 -5.50 1.42 0.20
N ASP A 6 -4.45 2.23 0.30
CA ASP A 6 -4.17 3.25 -0.71
C ASP A 6 -3.75 2.61 -2.02
N PRO A 7 -4.04 3.30 -3.14
CA PRO A 7 -3.69 2.81 -4.47
C PRO A 7 -2.18 2.82 -4.73
N ARG A 8 -1.54 3.93 -4.36
CA ARG A 8 -0.09 4.06 -4.54
C ARG A 8 0.67 2.99 -3.76
N CYS A 9 0.21 2.73 -2.53
CA CYS A 9 0.85 1.74 -1.69
C CYS A 9 0.41 0.33 -2.07
N ARG A 10 -0.82 0.21 -2.56
CA ARG A 10 -1.36 -1.08 -2.96
C ARG A 10 -0.42 -1.77 -3.95
N IYR A 11 0.23 -0.97 -4.79
CA IYR A 11 1.15 -1.51 -5.80
CB IYR A 11 1.90 -0.37 -6.55
CC IYR A 11 2.39 -0.79 -7.92
CD IYR A 11 3.66 -1.35 -8.08
CE IYR A 11 4.11 -1.75 -9.34
IE IYR A 11 6.08 -2.61 -9.53
CF IYR A 11 3.30 -1.61 -10.48
OF IYR A 11 3.66 -1.98 -11.76
CG IYR A 11 2.03 -1.05 -10.31
CH IYR A 11 1.58 -0.64 -9.06
C IYR A 11 2.20 -2.33 -5.01
O IYR A 11 2.51 -3.45 -5.38
H IYR A 11 0.09 -0.01 -4.74
HA IYR A 11 0.59 -2.12 -6.50
HB2 IYR A 11 1.21 0.47 -6.64
HB3 IYR A 11 2.75 -0.04 -5.94
HD IYR A 11 4.31 -1.47 -7.22
HF IYR A 11 4.64 -1.88 -11.90
HG IYR A 11 1.41 -0.95 -11.19
HH IYR A 11 0.59 -0.22 -8.96
N GLN A 12 2.72 -1.74 -3.94
CA GLN A 12 3.72 -2.41 -3.11
C GLN A 12 3.28 -2.44 -1.65
N CYS A 13 2.48 -3.44 -1.29
CA CYS A 13 2.00 -3.58 0.08
C CYS A 13 3.15 -3.86 1.03
N TYR A 14 4.13 -4.61 0.57
CA TYR A 14 5.29 -4.96 1.37
C TYR A 14 6.44 -4.00 1.12
N LYS A 15 6.11 -2.73 0.87
CA LYS A 15 7.11 -1.71 0.61
C LYS A 15 7.90 -2.03 -0.66
N GLU A 1 0.34 -2.32 7.34
CA GLU A 1 0.47 -0.95 6.88
C GLU A 1 -0.88 -0.38 6.45
N GLY A 2 -1.19 0.82 6.93
CA GLY A 2 -2.45 1.45 6.59
C GLY A 2 -2.47 1.98 5.16
N CYS A 3 -1.31 2.43 4.69
CA CYS A 3 -1.19 2.97 3.34
C CYS A 3 -1.70 1.96 2.31
N CYS A 4 -1.64 0.68 2.66
CA CYS A 4 -2.09 -0.38 1.76
C CYS A 4 -3.48 -0.09 1.23
N THR A 5 -4.33 0.52 2.07
CA THR A 5 -5.68 0.86 1.68
C THR A 5 -5.70 1.65 0.37
N ASP A 6 -4.69 2.48 0.18
CA ASP A 6 -4.59 3.30 -1.03
C ASP A 6 -3.97 2.49 -2.17
N PRO A 7 -4.32 2.87 -3.41
CA PRO A 7 -3.80 2.20 -4.61
C PRO A 7 -2.32 2.47 -4.84
N ARG A 8 -1.87 3.65 -4.42
CA ARG A 8 -0.47 4.04 -4.58
C ARG A 8 0.44 3.11 -3.76
N CYS A 9 0.04 2.82 -2.54
CA CYS A 9 0.81 1.95 -1.66
C CYS A 9 0.45 0.49 -1.88
N ARG A 10 -0.80 0.24 -2.24
CA ARG A 10 -1.28 -1.11 -2.49
C ARG A 10 -0.37 -1.84 -3.48
N IYR A 11 0.16 -1.09 -4.45
CA IYR A 11 1.04 -1.66 -5.46
CB IYR A 11 1.64 -0.56 -6.38
CC IYR A 11 2.35 -1.12 -7.59
CD IYR A 11 3.72 -1.45 -7.52
CE IYR A 11 4.37 -1.98 -8.63
IE IYR A 11 6.48 -2.47 -8.48
CF IYR A 11 3.70 -2.20 -9.84
OF IYR A 11 4.26 -2.73 -10.99
CG IYR A 11 2.34 -1.89 -9.90
CH IYR A 11 1.68 -1.35 -8.80
C IYR A 11 2.19 -2.33 -4.69
O IYR A 11 2.58 -3.46 -4.98
H IYR A 11 -0.06 -0.13 -4.47
HA IYR A 11 0.46 -2.38 -6.05
HB2 IYR A 11 0.82 0.10 -6.70
HB3 IYR A 11 2.33 0.05 -5.79
HD IYR A 11 4.27 -1.27 -6.61
HF IYR A 11 3.63 -3.35 -11.44
HG IYR A 11 1.82 -2.05 -10.83
HH IYR A 11 0.62 -1.11 -8.87
N GLN A 12 2.75 -1.61 -3.72
CA GLN A 12 3.84 -2.13 -2.91
C GLN A 12 3.49 -2.11 -1.43
N CYS A 13 2.72 -3.11 -1.01
CA CYS A 13 2.30 -3.21 0.38
C CYS A 13 3.46 -3.71 1.26
N TYR A 14 4.28 -4.58 0.69
CA TYR A 14 5.41 -5.14 1.42
C TYR A 14 6.68 -4.35 1.13
N LYS A 15 6.53 -3.05 0.95
CA LYS A 15 7.67 -2.17 0.67
C LYS A 15 8.48 -2.71 -0.50
N GLU A 1 0.52 -0.74 8.89
CA GLU A 1 0.63 0.04 7.66
C GLU A 1 -0.76 0.38 7.11
N GLY A 2 -1.20 1.61 7.36
CA GLY A 2 -2.50 2.03 6.89
C GLY A 2 -2.43 2.69 5.52
N CYS A 3 -1.64 2.11 4.63
CA CYS A 3 -1.48 2.64 3.28
C CYS A 3 -1.98 1.65 2.24
N CYS A 4 -1.94 0.36 2.59
CA CYS A 4 -2.39 -0.69 1.68
C CYS A 4 -3.76 -0.36 1.12
N THR A 5 -4.63 0.19 1.96
CA THR A 5 -5.99 0.54 1.56
C THR A 5 -5.97 1.37 0.27
N ASP A 6 -4.95 2.21 0.13
CA ASP A 6 -4.82 3.06 -1.05
C ASP A 6 -4.03 2.35 -2.14
N PRO A 7 -4.32 2.71 -3.41
CA PRO A 7 -3.65 2.13 -4.57
C PRO A 7 -2.18 2.54 -4.67
N ARG A 8 -1.89 3.76 -4.22
CA ARG A 8 -0.53 4.27 -4.26
C ARG A 8 0.43 3.35 -3.51
N CYS A 9 -0.04 2.82 -2.38
CA CYS A 9 0.77 1.93 -1.57
C CYS A 9 0.49 0.47 -1.91
N ARG A 10 -0.75 0.19 -2.31
CA ARG A 10 -1.15 -1.17 -2.68
C ARG A 10 -0.19 -1.77 -3.70
N IYR A 11 0.33 -0.91 -4.58
CA IYR A 11 1.26 -1.36 -5.62
CB IYR A 11 1.83 -0.15 -6.44
CC IYR A 11 2.28 -0.55 -7.83
CD IYR A 11 3.64 -0.73 -8.10
CE IYR A 11 4.07 -1.11 -9.38
IE IYR A 11 6.17 -1.39 -9.75
CF IYR A 11 3.15 -1.31 -10.42
OF IYR A 11 3.47 -1.67 -11.71
CG IYR A 11 1.78 -1.11 -10.14
CH IYR A 11 1.36 -0.75 -8.87
C IYR A 11 2.43 -2.03 -4.88
O IYR A 11 2.86 -3.13 -5.24
H IYR A 11 0.07 0.04 -4.54
HA IYR A 11 0.73 -2.05 -6.28
HB2 IYR A 11 1.04 0.61 -6.50
HB3 IYR A 11 2.66 0.28 -5.88
HD IYR A 11 4.37 -0.58 -7.33
HF IYR A 11 3.02 -2.53 -11.96
HG IYR A 11 1.08 -1.27 -10.94
HH IYR A 11 0.30 -0.61 -8.68
N GLN A 12 2.93 -1.36 -3.85
CA GLN A 12 4.04 -1.90 -3.07
C GLN A 12 3.70 -1.92 -1.58
N CYS A 13 2.92 -2.92 -1.17
CA CYS A 13 2.52 -3.05 0.23
C CYS A 13 3.58 -3.81 1.02
N TYR A 14 4.25 -4.75 0.37
CA TYR A 14 5.28 -5.55 1.01
C TYR A 14 6.67 -4.96 0.77
N LYS A 15 6.73 -3.63 0.72
CA LYS A 15 7.99 -2.93 0.50
C LYS A 15 9.06 -3.42 1.47
N GLU A 1 0.60 -0.79 9.47
CA GLU A 1 0.73 -0.08 8.19
C GLU A 1 -0.63 0.10 7.53
N GLY A 2 -1.10 1.34 7.48
CA GLY A 2 -2.39 1.62 6.87
C GLY A 2 -2.25 2.35 5.55
N CYS A 3 -1.47 1.78 4.64
CA CYS A 3 -1.26 2.38 3.33
C CYS A 3 -1.80 1.48 2.23
N CYS A 4 -1.83 0.18 2.49
CA CYS A 4 -2.33 -0.79 1.52
C CYS A 4 -3.67 -0.36 0.95
N THR A 5 -4.52 0.19 1.81
CA THR A 5 -5.85 0.65 1.40
C THR A 5 -5.75 1.56 0.18
N ASP A 6 -4.69 2.34 0.11
CA ASP A 6 -4.48 3.25 -1.01
C ASP A 6 -3.83 2.53 -2.19
N PRO A 7 -4.10 3.02 -3.40
CA PRO A 7 -3.56 2.44 -4.63
C PRO A 7 -2.05 2.67 -4.76
N ARG A 8 -1.58 3.80 -4.25
CA ARG A 8 -0.16 4.12 -4.30
C ARG A 8 0.68 3.07 -3.58
N CYS A 9 0.21 2.67 -2.40
CA CYS A 9 0.91 1.67 -1.61
C CYS A 9 0.47 0.26 -1.99
N ARG A 10 -0.79 0.14 -2.41
CA ARG A 10 -1.33 -1.16 -2.80
C ARG A 10 -0.43 -1.84 -3.83
N IYR A 11 0.19 -1.04 -4.69
CA IYR A 11 1.08 -1.56 -5.72
CB IYR A 11 1.81 -0.41 -6.50
CC IYR A 11 2.80 -0.93 -7.52
CD IYR A 11 4.17 -0.88 -7.27
CE IYR A 11 5.09 -1.36 -8.20
IE IYR A 11 7.20 -1.27 -7.75
CF IYR A 11 4.66 -1.91 -9.42
OF IYR A 11 5.48 -2.42 -10.40
CG IYR A 11 3.28 -1.96 -9.66
CH IYR A 11 2.37 -1.48 -8.73
C IYR A 11 2.15 -2.39 -4.98
O IYR A 11 2.44 -3.53 -5.37
H IYR A 11 0.06 -0.07 -4.62
HA IYR A 11 0.49 -2.18 -6.41
HB2 IYR A 11 1.03 0.19 -6.98
HB3 IYR A 11 2.32 0.22 -5.76
HD IYR A 11 4.53 -0.45 -6.34
HF IYR A 11 5.09 -3.22 -10.83
HG IYR A 11 2.96 -2.38 -10.60
HH IYR A 11 1.31 -1.53 -8.95
N GLN A 12 2.73 -1.81 -3.93
CA GLN A 12 3.75 -2.49 -3.15
C GLN A 12 3.43 -2.43 -1.66
N CYS A 13 2.51 -3.29 -1.22
CA CYS A 13 2.11 -3.33 0.19
C CYS A 13 3.30 -3.68 1.08
N TYR A 14 4.20 -4.51 0.57
CA TYR A 14 5.38 -4.93 1.32
C TYR A 14 6.58 -4.04 0.99
N LYS A 15 6.30 -2.76 0.74
CA LYS A 15 7.36 -1.80 0.42
C LYS A 15 8.04 -2.18 -0.90
N GLU A 1 -0.64 -2.42 6.32
CA GLU A 1 0.22 -1.44 6.97
C GLU A 1 -0.31 -0.03 6.74
N GLY A 2 -1.63 0.10 6.71
CA GLY A 2 -2.23 1.41 6.51
C GLY A 2 -2.17 1.85 5.06
N CYS A 3 -0.96 2.10 4.58
CA CYS A 3 -0.76 2.54 3.20
C CYS A 3 -1.43 1.57 2.22
N CYS A 4 -1.52 0.31 2.63
CA CYS A 4 -2.13 -0.71 1.78
C CYS A 4 -3.49 -0.24 1.25
N THR A 5 -4.22 0.49 2.07
CA THR A 5 -5.52 1.00 1.68
C THR A 5 -5.43 1.88 0.45
N ASP A 6 -4.33 2.63 0.33
CA ASP A 6 -4.12 3.51 -0.80
C ASP A 6 -3.80 2.71 -2.06
N PRO A 7 -4.17 3.27 -3.23
CA PRO A 7 -3.94 2.62 -4.52
C PRO A 7 -2.46 2.57 -4.89
N ARG A 8 -1.76 3.68 -4.69
CA ARG A 8 -0.34 3.77 -5.00
C ARG A 8 0.47 2.83 -4.11
N CYS A 9 0.11 2.79 -2.83
CA CYS A 9 0.81 1.92 -1.88
C CYS A 9 0.38 0.47 -2.04
N ARG A 10 -0.88 0.28 -2.44
CA ARG A 10 -1.42 -1.07 -2.63
C ARG A 10 -0.53 -1.89 -3.56
N IYR A 11 0.07 -1.22 -4.54
CA IYR A 11 0.96 -1.89 -5.49
CB IYR A 11 1.64 -0.86 -6.46
CC IYR A 11 2.33 -1.53 -7.63
CD IYR A 11 3.72 -1.43 -7.79
CE IYR A 11 4.37 -2.05 -8.85
IE IYR A 11 6.52 -1.86 -9.03
CF IYR A 11 3.66 -2.79 -9.80
OF IYR A 11 4.20 -3.43 -10.89
CG IYR A 11 2.27 -2.88 -9.64
CH IYR A 11 1.62 -2.28 -8.57
C IYR A 11 2.06 -2.56 -4.66
O IYR A 11 2.39 -3.73 -4.87
H IYR A 11 -0.09 -0.26 -4.62
HA IYR A 11 0.37 -2.61 -6.06
HB2 IYR A 11 0.86 -0.19 -6.83
HB3 IYR A 11 2.36 -0.28 -5.88
HD IYR A 11 4.30 -0.85 -7.06
HF IYR A 11 4.01 -2.94 -11.72
HG IYR A 11 1.72 -3.46 -10.38
HH IYR A 11 0.54 -2.37 -8.48
N GLN A 12 2.62 -1.81 -3.71
CA GLN A 12 3.67 -2.33 -2.85
C GLN A 12 3.26 -2.25 -1.38
N CYS A 13 2.58 -3.27 -0.90
CA CYS A 13 2.13 -3.33 0.49
C CYS A 13 3.31 -3.52 1.44
N TYR A 14 4.29 -4.31 1.00
CA TYR A 14 5.46 -4.59 1.80
C TYR A 14 6.61 -3.65 1.44
N LYS A 15 6.26 -2.41 1.10
CA LYS A 15 7.25 -1.42 0.74
C LYS A 15 8.18 -1.94 -0.35
N GLU A 1 0.53 -1.71 8.02
CA GLU A 1 0.57 -0.60 7.08
C GLU A 1 -0.83 -0.18 6.65
N GLY A 2 -1.18 1.07 6.92
CA GLY A 2 -2.49 1.58 6.56
C GLY A 2 -2.56 2.07 5.14
N CYS A 3 -1.44 2.63 4.66
CA CYS A 3 -1.38 3.16 3.29
C CYS A 3 -1.75 2.07 2.28
N CYS A 4 -1.55 0.82 2.66
CA CYS A 4 -1.85 -0.30 1.79
C CYS A 4 -3.27 -0.18 1.22
N THR A 5 -4.19 0.31 2.04
CA THR A 5 -5.58 0.47 1.64
C THR A 5 -5.67 1.28 0.34
N ASP A 6 -4.78 2.24 0.18
CA ASP A 6 -4.75 3.09 -1.00
C ASP A 6 -4.10 2.35 -2.17
N PRO A 7 -4.49 2.73 -3.40
CA PRO A 7 -3.94 2.13 -4.62
C PRO A 7 -2.48 2.50 -4.85
N ARG A 8 -2.10 3.69 -4.40
CA ARG A 8 -0.73 4.17 -4.56
C ARG A 8 0.23 3.33 -3.74
N CYS A 9 -0.19 2.93 -2.55
CA CYS A 9 0.64 2.11 -1.67
C CYS A 9 0.40 0.63 -1.92
N ARG A 10 -0.81 0.29 -2.33
CA ARG A 10 -1.17 -1.10 -2.60
C ARG A 10 -0.17 -1.74 -3.57
N IYR A 11 0.35 -0.94 -4.49
CA IYR A 11 1.31 -1.42 -5.47
CB IYR A 11 1.89 -0.26 -6.34
CC IYR A 11 2.68 -0.75 -7.53
CD IYR A 11 4.06 -0.53 -7.61
CE IYR A 11 4.80 -0.99 -8.70
IE IYR A 11 6.93 -0.62 -8.76
CF IYR A 11 4.19 -1.69 -9.75
OF IYR A 11 4.82 -2.17 -10.87
CG IYR A 11 2.80 -1.91 -9.67
CH IYR A 11 2.06 -1.45 -8.58
C IYR A 11 2.47 -2.04 -4.67
O IYR A 11 2.94 -3.13 -4.96
H IYR A 11 0.08 0.01 -4.51
HA IYR A 11 0.82 -2.17 -6.11
HB2 IYR A 11 1.04 0.35 -6.67
HB3 IYR A 11 2.52 0.37 -5.70
HD IYR A 11 4.57 0.01 -6.81
HF IYR A 11 4.64 -3.14 -10.98
HG IYR A 11 2.33 -2.44 -10.47
HH IYR A 11 1.00 -1.63 -8.54
N GLN A 12 2.91 -1.32 -3.64
CA GLN A 12 4.00 -1.79 -2.79
C GLN A 12 3.59 -1.81 -1.33
N CYS A 13 2.84 -2.84 -0.94
CA CYS A 13 2.39 -2.97 0.44
C CYS A 13 3.42 -3.70 1.29
N TYR A 14 4.08 -4.68 0.68
CA TYR A 14 5.09 -5.46 1.39
C TYR A 14 6.50 -4.97 1.05
N LYS A 15 6.62 -3.65 0.87
CA LYS A 15 7.91 -3.05 0.54
C LYS A 15 8.56 -3.75 -0.64
N GLU A 1 0.89 0.10 9.14
CA GLU A 1 0.90 0.26 7.70
C GLU A 1 -0.52 0.38 7.14
N GLY A 2 -1.13 1.53 7.35
CA GLY A 2 -2.48 1.76 6.87
C GLY A 2 -2.51 2.47 5.54
N CYS A 3 -1.57 2.14 4.68
CA CYS A 3 -1.49 2.76 3.35
C CYS A 3 -1.86 1.75 2.26
N CYS A 4 -1.67 0.48 2.55
CA CYS A 4 -1.99 -0.59 1.60
C CYS A 4 -3.40 -0.40 1.05
N THR A 5 -4.31 0.05 1.89
CA THR A 5 -5.69 0.27 1.49
C THR A 5 -5.77 1.13 0.22
N ASP A 6 -4.85 2.09 0.11
CA ASP A 6 -4.81 2.98 -1.04
C ASP A 6 -4.10 2.31 -2.22
N PRO A 7 -4.45 2.73 -3.44
CA PRO A 7 -3.86 2.19 -4.66
C PRO A 7 -2.40 2.61 -4.83
N ARG A 8 -2.07 3.79 -4.33
CA ARG A 8 -0.71 4.31 -4.43
C ARG A 8 0.26 3.45 -3.64
N CYS A 9 -0.21 2.93 -2.52
CA CYS A 9 0.62 2.08 -1.66
C CYS A 9 0.41 0.60 -1.99
N ARG A 10 -0.79 0.28 -2.45
CA ARG A 10 -1.14 -1.10 -2.79
C ARG A 10 -0.10 -1.69 -3.76
N IYR A 11 0.43 -0.84 -4.64
CA IYR A 11 1.42 -1.28 -5.61
CB IYR A 11 2.02 -0.07 -6.42
CC IYR A 11 3.01 -0.49 -7.47
CD IYR A 11 4.37 -0.56 -7.19
CE IYR A 11 5.29 -0.96 -8.15
IE IYR A 11 7.39 -1.04 -7.65
CF IYR A 11 4.88 -1.32 -9.44
OF IYR A 11 5.71 -1.72 -10.47
CG IYR A 11 3.51 -1.25 -9.73
CH IYR A 11 2.59 -0.85 -8.76
C IYR A 11 2.57 -1.92 -4.79
O IYR A 11 3.05 -2.99 -5.12
H IYR A 11 0.15 0.10 -4.63
HA IYR A 11 0.96 -1.99 -6.30
HB2 IYR A 11 1.17 0.45 -6.87
HB3 IYR A 11 2.49 0.61 -5.70
HD IYR A 11 4.72 -0.28 -6.20
HF IYR A 11 6.67 -1.63 -10.21
HG IYR A 11 3.20 -1.52 -10.73
HH IYR A 11 1.53 -0.81 -9.01
N GLN A 12 2.99 -1.23 -3.74
CA GLN A 12 4.06 -1.72 -2.88
C GLN A 12 3.61 -1.79 -1.43
N CYS A 13 2.87 -2.84 -1.10
CA CYS A 13 2.37 -3.04 0.26
C CYS A 13 3.35 -3.87 1.07
N TYR A 14 4.00 -4.83 0.43
CA TYR A 14 4.96 -5.68 1.10
C TYR A 14 6.39 -5.16 0.93
N LYS A 15 6.52 -3.84 0.89
CA LYS A 15 7.83 -3.21 0.73
C LYS A 15 8.56 -3.78 -0.48
N GLU A 1 0.34 -1.99 6.00
CA GLU A 1 0.35 -1.15 7.19
C GLU A 1 -0.30 0.21 6.90
N GLY A 2 -1.63 0.20 6.81
CA GLY A 2 -2.35 1.44 6.54
C GLY A 2 -2.26 1.85 5.09
N CYS A 3 -1.05 2.19 4.65
CA CYS A 3 -0.83 2.62 3.27
C CYS A 3 -1.34 1.56 2.28
N CYS A 4 -1.32 0.31 2.70
CA CYS A 4 -1.78 -0.79 1.87
C CYS A 4 -3.15 -0.48 1.26
N THR A 5 -3.98 0.23 2.03
CA THR A 5 -5.31 0.59 1.57
C THR A 5 -5.25 1.51 0.36
N ASP A 6 -4.29 2.42 0.37
CA ASP A 6 -4.11 3.37 -0.73
C ASP A 6 -3.79 2.63 -2.03
N PRO A 7 -4.16 3.24 -3.16
CA PRO A 7 -3.93 2.66 -4.49
C PRO A 7 -2.45 2.67 -4.86
N ARG A 8 -1.78 3.78 -4.58
CA ARG A 8 -0.36 3.91 -4.90
C ARG A 8 0.47 2.93 -4.08
N CYS A 9 0.13 2.79 -2.81
CA CYS A 9 0.84 1.88 -1.91
C CYS A 9 0.40 0.44 -2.14
N ARG A 10 -0.85 0.26 -2.58
CA ARG A 10 -1.38 -1.07 -2.83
C ARG A 10 -0.46 -1.86 -3.76
N IYR A 11 0.19 -1.15 -4.68
CA IYR A 11 1.10 -1.79 -5.63
CB IYR A 11 1.86 -0.73 -6.49
CC IYR A 11 2.30 -1.27 -7.84
CD IYR A 11 3.59 -1.78 -8.03
CE IYR A 11 3.99 -2.28 -9.26
IE IYR A 11 6.00 -3.05 -9.48
CF IYR A 11 3.11 -2.31 -10.35
OF IYR A 11 3.41 -2.79 -11.61
CG IYR A 11 1.82 -1.81 -10.16
CH IYR A 11 1.42 -1.31 -8.93
C IYR A 11 2.14 -2.56 -4.78
O IYR A 11 2.44 -3.72 -5.05
H IYR A 11 0.06 -0.18 -4.72
HA IYR A 11 0.53 -2.46 -6.27
HB2 IYR A 11 1.20 0.12 -6.63
HB3 IYR A 11 2.74 -0.39 -5.92
HD IYR A 11 4.29 -1.76 -7.19
HF IYR A 11 4.07 -2.19 -12.07
HG IYR A 11 1.14 -1.83 -11.01
HH IYR A 11 0.40 -0.92 -8.81
N GLN A 12 2.67 -1.88 -3.76
CA GLN A 12 3.65 -2.49 -2.88
C GLN A 12 3.27 -2.31 -1.42
N CYS A 13 2.34 -3.14 -0.95
CA CYS A 13 1.88 -3.06 0.44
C CYS A 13 3.04 -3.32 1.41
N TYR A 14 3.94 -4.20 1.02
CA TYR A 14 5.09 -4.53 1.86
C TYR A 14 6.31 -3.71 1.45
N LYS A 15 6.07 -2.47 1.05
CA LYS A 15 7.14 -1.57 0.63
C LYS A 15 8.03 -2.24 -0.41
N GLU A 1 0.60 -1.42 4.73
CA GLU A 1 1.28 -0.57 5.70
C GLU A 1 0.49 0.70 5.97
N GLY A 2 -0.59 0.57 6.72
CA GLY A 2 -1.42 1.72 7.04
C GLY A 2 -2.28 2.15 5.88
N CYS A 3 -1.66 2.64 4.81
CA CYS A 3 -2.38 3.10 3.63
C CYS A 3 -2.45 1.99 2.59
N CYS A 4 -2.35 0.74 3.03
CA CYS A 4 -2.41 -0.41 2.13
C CYS A 4 -3.67 -0.37 1.28
N THR A 5 -4.77 0.11 1.88
CA THR A 5 -6.04 0.19 1.18
C THR A 5 -5.92 1.05 -0.07
N ASP A 6 -5.10 2.10 0.01
CA ASP A 6 -4.89 3.00 -1.12
C ASP A 6 -4.13 2.31 -2.24
N PRO A 7 -4.37 2.75 -3.49
CA PRO A 7 -3.72 2.19 -4.67
C PRO A 7 -2.23 2.52 -4.72
N ARG A 8 -1.89 3.74 -4.35
CA ARG A 8 -0.50 4.18 -4.34
C ARG A 8 0.37 3.24 -3.52
N CYS A 9 -0.12 2.86 -2.35
CA CYS A 9 0.62 1.97 -1.46
C CYS A 9 0.40 0.51 -1.86
N ARG A 10 -0.78 0.21 -2.39
CA ARG A 10 -1.11 -1.14 -2.81
C ARG A 10 -0.05 -1.68 -3.77
N IYR A 11 0.53 -0.80 -4.57
CA IYR A 11 1.56 -1.19 -5.53
CB IYR A 11 2.19 0.06 -6.24
CC IYR A 11 2.98 -0.31 -7.48
CD IYR A 11 4.37 -0.23 -7.48
CE IYR A 11 5.11 -0.58 -8.62
IE IYR A 11 7.26 -0.46 -8.56
CF IYR A 11 4.47 -1.01 -9.79
OF IYR A 11 5.10 -1.36 -10.97
CG IYR A 11 3.07 -1.07 -9.78
CH IYR A 11 2.33 -0.72 -8.65
C IYR A 11 2.66 -1.89 -4.71
O IYR A 11 3.14 -2.94 -5.10
H IYR A 11 0.25 0.14 -4.52
HA IYR A 11 1.11 -1.85 -6.28
HB2 IYR A 11 1.37 0.74 -6.49
HB3 IYR A 11 2.84 0.57 -5.52
HD IYR A 11 4.90 0.10 -6.59
HF IYR A 11 4.68 -0.90 -11.75
HG IYR A 11 2.58 -1.39 -10.69
HH IYR A 11 1.25 -0.78 -8.67
N GLN A 12 3.04 -1.28 -3.59
CA GLN A 12 4.07 -1.83 -2.73
C GLN A 12 3.65 -1.78 -1.27
N CYS A 13 2.79 -2.72 -0.87
CA CYS A 13 2.31 -2.77 0.51
C CYS A 13 3.28 -3.54 1.39
N TYR A 14 3.91 -4.57 0.84
CA TYR A 14 4.85 -5.39 1.58
C TYR A 14 6.28 -4.92 1.32
N LYS A 15 6.45 -3.61 1.15
CA LYS A 15 7.77 -3.04 0.90
C LYS A 15 8.46 -3.74 -0.25
N GLU A 1 3.30 0.61 6.86
CA GLU A 1 2.24 1.55 6.53
C GLU A 1 0.91 0.82 6.37
N GLY A 2 -0.12 1.32 7.06
CA GLY A 2 -1.43 0.70 6.99
C GLY A 2 -2.31 1.34 5.94
N CYS A 3 -1.72 1.66 4.79
CA CYS A 3 -2.45 2.28 3.69
C CYS A 3 -2.61 1.31 2.52
N CYS A 4 -2.67 0.02 2.84
CA CYS A 4 -2.81 -1.01 1.82
C CYS A 4 -3.99 -0.69 0.90
N THR A 5 -5.11 -0.27 1.49
CA THR A 5 -6.29 0.06 0.72
C THR A 5 -5.99 1.10 -0.35
N ASP A 6 -5.06 2.00 -0.03
CA ASP A 6 -4.68 3.05 -0.97
C ASP A 6 -3.95 2.46 -2.18
N PRO A 7 -4.08 3.14 -3.32
CA PRO A 7 -3.45 2.71 -4.58
C PRO A 7 -1.93 2.85 -4.54
N ARG A 8 -1.46 4.01 -4.08
CA ARG A 8 -0.03 4.28 -4.00
C ARG A 8 0.68 3.16 -3.26
N CYS A 9 0.10 2.72 -2.14
CA CYS A 9 0.68 1.65 -1.35
C CYS A 9 0.35 0.28 -1.94
N ARG A 10 -0.82 0.17 -2.55
CA ARG A 10 -1.26 -1.08 -3.15
C ARG A 10 -0.20 -1.62 -4.10
N IYR A 11 0.51 -0.71 -4.77
CA IYR A 11 1.55 -1.10 -5.71
CB IYR A 11 2.34 0.14 -6.24
CC IYR A 11 3.01 -0.12 -7.58
CD IYR A 11 4.37 -0.45 -7.64
CE IYR A 11 4.99 -0.69 -8.87
IE IYR A 11 7.08 -1.21 -8.91
CF IYR A 11 4.27 -0.62 -10.07
OF IYR A 11 4.79 -0.84 -11.33
CG IYR A 11 2.91 -0.29 -10.00
CH IYR A 11 2.29 -0.04 -8.78
C IYR A 11 2.54 -1.99 -4.92
O IYR A 11 2.92 -3.07 -5.37
H IYR A 11 0.33 0.24 -4.62
HA IYR A 11 1.09 -1.64 -6.54
HB2 IYR A 11 1.62 0.96 -6.33
HB3 IYR A 11 3.09 0.42 -5.50
HD IYR A 11 4.95 -0.51 -6.73
HF IYR A 11 5.79 -0.80 -11.32
HG IYR A 11 2.36 -0.23 -10.93
HH IYR A 11 1.24 0.22 -8.76
N GLN A 12 2.93 -1.51 -3.75
CA GLN A 12 3.87 -2.25 -2.90
C GLN A 12 3.44 -2.18 -1.44
N CYS A 13 2.46 -3.00 -1.06
CA CYS A 13 1.96 -3.03 0.30
C CYS A 13 2.98 -3.67 1.24
N TYR A 14 3.75 -4.60 0.71
CA TYR A 14 4.77 -5.29 1.49
C TYR A 14 6.13 -4.61 1.36
N LYS A 15 6.11 -3.28 1.24
CA LYS A 15 7.33 -2.51 1.10
C LYS A 15 8.34 -2.88 2.19
N GLU A 1 1.13 -0.53 8.81
CA GLU A 1 1.08 0.49 7.76
C GLU A 1 -0.29 0.53 7.10
N GLY A 2 -1.09 1.54 7.49
CA GLY A 2 -2.42 1.67 6.93
C GLY A 2 -2.44 2.44 5.63
N CYS A 3 -1.59 2.01 4.69
CA CYS A 3 -1.50 2.66 3.38
C CYS A 3 -1.91 1.70 2.27
N CYS A 4 -1.76 0.41 2.52
CA CYS A 4 -2.12 -0.60 1.54
C CYS A 4 -3.52 -0.35 0.98
N THR A 5 -4.41 0.13 1.84
CA THR A 5 -5.78 0.41 1.44
C THR A 5 -5.82 1.28 0.18
N ASP A 6 -4.86 2.19 0.07
CA ASP A 6 -4.78 3.08 -1.09
C ASP A 6 -4.10 2.38 -2.27
N PRO A 7 -4.44 2.81 -3.49
CA PRO A 7 -3.88 2.24 -4.71
C PRO A 7 -2.40 2.61 -4.90
N ARG A 8 -2.02 3.78 -4.40
CA ARG A 8 -0.65 4.24 -4.50
C ARG A 8 0.29 3.34 -3.71
N CYS A 9 -0.12 2.99 -2.50
CA CYS A 9 0.68 2.13 -1.64
C CYS A 9 0.43 0.66 -1.93
N ARG A 10 -0.79 0.36 -2.38
CA ARG A 10 -1.17 -1.01 -2.71
C ARG A 10 -0.16 -1.64 -3.67
N IYR A 11 0.39 -0.82 -4.56
CA IYR A 11 1.37 -1.29 -5.54
CB IYR A 11 1.98 -0.12 -6.36
CC IYR A 11 2.41 -0.52 -7.75
CD IYR A 11 3.66 -1.09 -7.97
CE IYR A 11 4.06 -1.48 -9.25
IE IYR A 11 6.03 -2.34 -9.53
CF IYR A 11 3.21 -1.33 -10.36
OF IYR A 11 3.51 -1.68 -11.65
CG IYR A 11 1.95 -0.77 -10.13
CH IYR A 11 1.55 -0.38 -8.86
C IYR A 11 2.50 -1.95 -4.73
O IYR A 11 2.95 -3.05 -5.05
H IYR A 11 0.13 0.12 -4.56
HA IYR A 11 0.87 -2.01 -6.20
HB2 IYR A 11 1.22 0.67 -6.42
HB3 IYR A 11 2.83 0.29 -5.81
HD IYR A 11 4.35 -1.20 -7.14
HF IYR A 11 2.81 -2.28 -12.03
HG IYR A 11 1.29 -0.64 -10.99
HH IYR A 11 0.56 0.06 -8.71
N GLN A 12 2.94 -1.26 -3.69
CA GLN A 12 4.01 -1.76 -2.83
C GLN A 12 3.50 -2.08 -1.44
N CYS A 13 2.84 -3.23 -1.29
CA CYS A 13 2.29 -3.64 -0.01
C CYS A 13 3.34 -4.36 0.83
N TYR A 14 4.24 -5.08 0.14
CA TYR A 14 5.30 -5.83 0.82
C TYR A 14 6.58 -5.00 0.90
N LYS A 15 6.41 -3.69 1.08
CA LYS A 15 7.56 -2.78 1.16
C LYS A 15 8.57 -3.29 2.19
N GLU A 1 0.43 -0.83 9.46
CA GLU A 1 0.51 -0.21 8.15
C GLU A 1 -0.87 0.22 7.66
N GLY A 2 -1.00 1.49 7.32
CA GLY A 2 -2.27 2.01 6.84
C GLY A 2 -2.17 2.61 5.44
N CYS A 3 -1.30 2.04 4.62
CA CYS A 3 -1.12 2.52 3.26
C CYS A 3 -1.52 1.46 2.25
N CYS A 4 -1.39 0.20 2.63
CA CYS A 4 -1.74 -0.91 1.75
C CYS A 4 -3.12 -0.69 1.13
N THR A 5 -4.02 -0.10 1.90
CA THR A 5 -5.38 0.16 1.42
C THR A 5 -5.37 1.12 0.24
N ASP A 6 -4.50 2.12 0.29
CA ASP A 6 -4.38 3.10 -0.77
C ASP A 6 -3.97 2.44 -2.09
N PRO A 7 -4.37 3.04 -3.21
CA PRO A 7 -4.05 2.52 -4.54
C PRO A 7 -2.58 2.67 -4.88
N ARG A 8 -2.02 3.85 -4.60
CA ARG A 8 -0.62 4.12 -4.89
C ARG A 8 0.28 3.20 -4.07
N CYS A 9 -0.10 2.95 -2.82
CA CYS A 9 0.68 2.09 -1.94
C CYS A 9 0.38 0.62 -2.22
N ARG A 10 -0.83 0.35 -2.70
CA ARG A 10 -1.24 -1.01 -3.01
C ARG A 10 -0.24 -1.70 -3.92
N IYR A 11 0.37 -0.91 -4.81
CA IYR A 11 1.36 -1.44 -5.74
CB IYR A 11 2.03 -0.30 -6.57
CC IYR A 11 2.61 -0.78 -7.89
CD IYR A 11 3.95 -1.17 -7.98
CE IYR A 11 4.48 -1.63 -9.19
IE IYR A 11 6.55 -2.22 -9.27
CF IYR A 11 3.69 -1.72 -10.34
OF IYR A 11 4.12 -2.14 -11.58
CG IYR A 11 2.35 -1.32 -10.24
CH IYR A 11 1.82 -0.86 -9.04
C IYR A 11 2.45 -2.12 -4.89
O IYR A 11 2.86 -3.24 -5.18
H IYR A 11 0.15 0.04 -4.83
HA IYR A 11 0.86 -2.14 -6.42
HB2 IYR A 11 1.28 0.47 -6.75
HB3 IYR A 11 2.82 0.15 -5.96
HD IYR A 11 4.59 -1.11 -7.11
HF IYR A 11 3.53 -2.86 -11.93
HG IYR A 11 1.74 -1.38 -11.14
HH IYR A 11 0.77 -0.57 -8.99
N GLN A 12 2.88 -1.43 -3.84
CA GLN A 12 3.90 -1.96 -2.95
C GLN A 12 3.39 -2.02 -1.51
N CYS A 13 2.60 -3.05 -1.21
CA CYS A 13 2.04 -3.22 0.13
C CYS A 13 3.07 -3.82 1.07
N TYR A 14 3.92 -4.70 0.54
CA TYR A 14 4.96 -5.33 1.33
C TYR A 14 6.29 -4.59 1.21
N LYS A 15 6.20 -3.27 1.09
CA LYS A 15 7.39 -2.43 0.96
C LYS A 15 8.21 -2.84 -0.25
N GLU A 1 0.61 -0.75 9.23
CA GLU A 1 0.77 0.04 8.02
C GLU A 1 -0.58 0.30 7.35
N GLY A 2 -1.03 1.54 7.40
CA GLY A 2 -2.30 1.88 6.79
C GLY A 2 -2.15 2.49 5.41
N CYS A 3 -1.31 1.87 4.59
CA CYS A 3 -1.06 2.35 3.23
C CYS A 3 -1.50 1.31 2.20
N CYS A 4 -1.43 0.04 2.58
CA CYS A 4 -1.82 -1.04 1.68
C CYS A 4 -3.19 -0.78 1.08
N THR A 5 -4.08 -0.18 1.87
CA THR A 5 -5.42 0.13 1.41
C THR A 5 -5.40 1.13 0.26
N ASP A 6 -4.47 2.07 0.32
CA ASP A 6 -4.33 3.08 -0.72
C ASP A 6 -3.91 2.46 -2.05
N PRO A 7 -4.30 3.10 -3.15
CA PRO A 7 -3.97 2.62 -4.51
C PRO A 7 -2.49 2.76 -4.83
N ARG A 8 -1.93 3.92 -4.50
CA ARG A 8 -0.52 4.18 -4.75
C ARG A 8 0.37 3.20 -3.99
N CYS A 9 -0.01 2.93 -2.74
CA CYS A 9 0.75 2.01 -1.90
C CYS A 9 0.40 0.56 -2.23
N ARG A 10 -0.81 0.36 -2.72
CA ARG A 10 -1.28 -0.98 -3.08
C ARG A 10 -0.28 -1.69 -3.99
N IYR A 11 0.37 -0.90 -4.85
CA IYR A 11 1.35 -1.46 -5.78
CB IYR A 11 2.09 -0.33 -6.57
CC IYR A 11 2.65 -0.80 -7.89
CD IYR A 11 3.99 -1.20 -8.00
CE IYR A 11 4.52 -1.65 -9.20
IE IYR A 11 6.59 -2.26 -9.31
CF IYR A 11 3.72 -1.73 -10.36
OF IYR A 11 4.14 -2.15 -11.60
CG IYR A 11 2.38 -1.33 -10.25
CH IYR A 11 1.85 -0.88 -9.05
C IYR A 11 2.40 -2.19 -4.91
O IYR A 11 2.78 -3.33 -5.21
H IYR A 11 0.19 0.05 -4.86
HA IYR A 11 0.84 -2.13 -6.47
HB2 IYR A 11 1.37 0.48 -6.74
HB3 IYR A 11 2.89 0.07 -5.94
HD IYR A 11 4.64 -1.14 -7.13
HF IYR A 11 5.03 -1.76 -11.83
HG IYR A 11 1.78 -1.37 -11.15
HH IYR A 11 0.82 -0.57 -8.99
N GLN A 12 2.86 -1.52 -3.86
CA GLN A 12 3.85 -2.10 -2.96
C GLN A 12 3.32 -2.16 -1.53
N CYS A 13 2.47 -3.15 -1.25
CA CYS A 13 1.90 -3.31 0.08
C CYS A 13 2.94 -3.82 1.07
N TYR A 14 3.86 -4.66 0.58
CA TYR A 14 4.91 -5.22 1.41
C TYR A 14 6.19 -4.40 1.31
N LYS A 15 6.03 -3.09 1.17
CA LYS A 15 7.17 -2.18 1.06
C LYS A 15 8.02 -2.23 2.32
N GLU A 1 -0.54 -2.78 5.99
CA GLU A 1 0.41 -1.88 6.65
C GLU A 1 -0.06 -0.43 6.54
N GLY A 2 -1.37 -0.23 6.60
CA GLY A 2 -1.92 1.11 6.50
C GLY A 2 -1.91 1.65 5.08
N CYS A 3 -0.71 1.89 4.56
CA CYS A 3 -0.56 2.41 3.20
C CYS A 3 -1.27 1.50 2.19
N CYS A 4 -1.39 0.23 2.55
CA CYS A 4 -2.05 -0.74 1.66
C CYS A 4 -3.39 -0.21 1.16
N THR A 5 -4.08 0.54 2.02
CA THR A 5 -5.37 1.11 1.67
C THR A 5 -5.26 1.99 0.43
N ASP A 6 -4.15 2.70 0.31
CA ASP A 6 -3.92 3.58 -0.83
C ASP A 6 -3.70 2.78 -2.11
N PRO A 7 -4.07 3.37 -3.25
CA PRO A 7 -3.92 2.72 -4.56
C PRO A 7 -2.47 2.58 -4.97
N ARG A 8 -1.70 3.65 -4.79
CA ARG A 8 -0.29 3.66 -5.15
C ARG A 8 0.52 2.73 -4.23
N CYS A 9 0.16 2.74 -2.95
CA CYS A 9 0.84 1.90 -1.97
C CYS A 9 0.38 0.45 -2.07
N ARG A 10 -0.88 0.26 -2.47
CA ARG A 10 -1.44 -1.08 -2.61
C ARG A 10 -0.55 -1.95 -3.49
N IYR A 11 0.07 -1.34 -4.49
CA IYR A 11 0.95 -2.06 -5.40
CB IYR A 11 1.68 -1.10 -6.39
CC IYR A 11 2.12 -1.78 -7.67
CD IYR A 11 3.48 -1.99 -7.94
CE IYR A 11 3.89 -2.63 -9.10
IE IYR A 11 5.99 -2.92 -9.46
CF IYR A 11 2.95 -3.09 -10.05
OF IYR A 11 3.26 -3.72 -11.23
CG IYR A 11 1.59 -2.87 -9.77
CH IYR A 11 1.18 -2.23 -8.61
C IYR A 11 2.03 -2.73 -4.52
O IYR A 11 2.33 -3.91 -4.68
H IYR A 11 -0.06 -0.38 -4.61
HA IYR A 11 0.36 -2.79 -5.95
HB2 IYR A 11 0.99 -0.28 -6.61
HB3 IYR A 11 2.55 -0.66 -5.88
HD IYR A 11 4.22 -1.64 -7.22
HF IYR A 11 4.02 -3.27 -11.70
HG IYR A 11 0.88 -3.21 -10.51
HH IYR A 11 0.13 -2.09 -8.43
N GLN A 12 2.59 -1.96 -3.59
CA GLN A 12 3.61 -2.48 -2.69
C GLN A 12 3.16 -2.39 -1.24
N CYS A 13 2.33 -3.33 -0.82
CA CYS A 13 1.81 -3.36 0.54
C CYS A 13 2.96 -3.36 1.54
N TYR A 14 4.06 -4.03 1.19
CA TYR A 14 5.21 -4.11 2.07
C TYR A 14 6.24 -3.05 1.70
N LYS A 15 5.76 -1.89 1.28
CA LYS A 15 6.63 -0.78 0.90
C LYS A 15 7.68 -1.24 -0.11
N GLU A 1 3.45 0.77 7.27
CA GLU A 1 2.58 1.11 6.14
C GLU A 1 1.20 0.47 6.32
N GLY A 2 0.21 1.28 6.67
CA GLY A 2 -1.14 0.78 6.86
C GLY A 2 -2.12 1.41 5.90
N CYS A 3 -1.66 1.73 4.70
CA CYS A 3 -2.51 2.35 3.69
C CYS A 3 -2.65 1.44 2.47
N CYS A 4 -2.53 0.13 2.69
CA CYS A 4 -2.65 -0.84 1.62
C CYS A 4 -3.92 -0.60 0.80
N THR A 5 -4.98 -0.18 1.47
CA THR A 5 -6.24 0.09 0.80
C THR A 5 -6.08 1.10 -0.32
N ASP A 6 -5.17 2.05 -0.12
CA ASP A 6 -4.91 3.08 -1.13
C ASP A 6 -4.17 2.50 -2.33
N PRO A 7 -4.36 3.11 -3.50
CA PRO A 7 -3.71 2.67 -4.74
C PRO A 7 -2.21 2.93 -4.73
N ARG A 8 -1.81 4.08 -4.18
CA ARG A 8 -0.40 4.44 -4.12
C ARG A 8 0.39 3.41 -3.32
N CYS A 9 -0.23 2.87 -2.29
CA CYS A 9 0.43 1.87 -1.44
C CYS A 9 0.21 0.47 -2.01
N ARG A 10 -0.92 0.27 -2.69
CA ARG A 10 -1.25 -1.02 -3.27
C ARG A 10 -0.09 -1.53 -4.13
N IYR A 11 0.63 -0.61 -4.75
CA IYR A 11 1.76 -0.96 -5.62
CB IYR A 11 2.54 0.30 -6.09
CC IYR A 11 3.34 0.06 -7.35
CD IYR A 11 4.73 -0.07 -7.31
CE IYR A 11 5.47 -0.30 -8.46
IE IYR A 11 7.61 -0.49 -8.32
CF IYR A 11 4.84 -0.41 -9.71
OF IYR A 11 5.48 -0.64 -10.91
CG IYR A 11 3.44 -0.28 -9.75
CH IYR A 11 2.70 -0.05 -8.60
C IYR A 11 2.70 -1.82 -4.74
O IYR A 11 3.16 -2.88 -5.17
H IYR A 11 0.39 0.34 -4.64
HA IYR A 11 1.37 -1.51 -6.47
HB2 IYR A 11 1.81 1.10 -6.25
HB3 IYR A 11 3.20 0.61 -5.27
HD IYR A 11 5.24 0.02 -6.35
HF IYR A 11 5.60 0.21 -11.42
HG IYR A 11 2.96 -0.37 -10.73
HH IYR A 11 1.63 0.05 -8.67
N GLN A 12 2.97 -1.35 -3.53
CA GLN A 12 3.85 -2.06 -2.61
C GLN A 12 3.29 -2.02 -1.19
N CYS A 13 2.62 -3.10 -0.81
CA CYS A 13 2.03 -3.20 0.52
C CYS A 13 3.01 -3.86 1.49
N TYR A 14 3.79 -4.80 1.00
CA TYR A 14 4.76 -5.51 1.82
C TYR A 14 6.15 -4.86 1.71
N LYS A 15 6.16 -3.54 1.58
CA LYS A 15 7.42 -2.80 1.47
C LYS A 15 8.37 -3.18 2.59
N GLU A 1 1.30 -0.47 8.87
CA GLU A 1 1.26 0.61 7.90
C GLU A 1 -0.04 0.58 7.09
N GLY A 2 -0.97 1.47 7.46
CA GLY A 2 -2.24 1.53 6.77
C GLY A 2 -2.15 2.22 5.42
N CYS A 3 -1.34 1.65 4.52
CA CYS A 3 -1.16 2.22 3.20
C CYS A 3 -1.64 1.25 2.12
N CYS A 4 -1.57 -0.04 2.42
CA CYS A 4 -2.00 -1.07 1.48
C CYS A 4 -3.39 -0.75 0.92
N THR A 5 -4.24 -0.17 1.76
CA THR A 5 -5.59 0.18 1.35
C THR A 5 -5.58 1.18 0.19
N ASP A 6 -4.61 2.09 0.21
CA ASP A 6 -4.48 3.09 -0.83
C ASP A 6 -4.05 2.45 -2.14
N PRO A 7 -4.44 3.08 -3.26
CA PRO A 7 -4.12 2.59 -4.60
C PRO A 7 -2.63 2.74 -4.93
N ARG A 8 -2.07 3.91 -4.58
CA ARG A 8 -0.67 4.19 -4.84
C ARG A 8 0.22 3.28 -4.00
N CYS A 9 -0.16 3.07 -2.74
CA CYS A 9 0.60 2.23 -1.84
C CYS A 9 0.35 0.76 -2.12
N ARG A 10 -0.84 0.46 -2.64
CA ARG A 10 -1.21 -0.91 -2.95
C ARG A 10 -0.16 -1.58 -3.83
N IYR A 11 0.45 -0.79 -4.71
CA IYR A 11 1.48 -1.30 -5.61
CB IYR A 11 2.17 -0.15 -6.42
CC IYR A 11 2.92 -0.64 -7.63
CD IYR A 11 4.29 -0.94 -7.55
CE IYR A 11 4.99 -1.41 -8.66
IE IYR A 11 7.08 -1.85 -8.48
CF IYR A 11 4.34 -1.61 -9.89
OF IYR A 11 4.94 -2.05 -11.05
CG IYR A 11 2.97 -1.31 -9.97
CH IYR A 11 2.27 -0.84 -8.86
C IYR A 11 2.54 -1.95 -4.71
O IYR A 11 3.00 -3.07 -4.97
H IYR A 11 0.22 0.16 -4.74
HA IYR A 11 1.02 -2.02 -6.29
HB2 IYR A 11 1.38 0.55 -6.72
HB3 IYR A 11 2.85 0.38 -5.74
HD IYR A 11 4.81 -0.79 -6.60
HF IYR A 11 5.72 -1.48 -11.30
HG IYR A 11 2.48 -1.45 -10.92
HH IYR A 11 1.21 -0.61 -8.95
N GLN A 12 2.95 -1.24 -3.65
CA GLN A 12 3.94 -1.75 -2.73
C GLN A 12 3.35 -1.95 -1.34
N CYS A 13 2.64 -3.06 -1.17
CA CYS A 13 2.01 -3.38 0.11
C CYS A 13 3.00 -4.07 1.04
N TYR A 14 3.89 -4.87 0.47
CA TYR A 14 4.88 -5.59 1.25
C TYR A 14 6.20 -4.83 1.29
N LYS A 15 6.10 -3.51 1.32
CA LYS A 15 7.29 -2.65 1.36
C LYS A 15 8.06 -2.86 2.66
N GLU A 1 1.37 -0.55 8.67
CA GLU A 1 1.22 0.62 7.81
C GLU A 1 -0.12 0.60 7.09
N GLY A 2 -1.03 1.46 7.54
CA GLY A 2 -2.34 1.52 6.93
C GLY A 2 -2.35 2.30 5.63
N CYS A 3 -1.52 1.87 4.68
CA CYS A 3 -1.44 2.54 3.38
C CYS A 3 -1.89 1.61 2.26
N CYS A 4 -1.77 0.31 2.48
CA CYS A 4 -2.17 -0.68 1.49
C CYS A 4 -3.57 -0.38 0.95
N THR A 5 -4.43 0.13 1.83
CA THR A 5 -5.80 0.46 1.45
C THR A 5 -5.82 1.34 0.20
N ASP A 6 -4.83 2.22 0.08
CA ASP A 6 -4.74 3.11 -1.07
C ASP A 6 -4.04 2.42 -2.24
N PRO A 7 -4.37 2.86 -3.47
CA PRO A 7 -3.78 2.29 -4.69
C PRO A 7 -2.31 2.67 -4.84
N ARG A 8 -1.95 3.84 -4.35
CA ARG A 8 -0.56 4.31 -4.44
C ARG A 8 0.37 3.39 -3.66
N CYS A 9 -0.10 2.91 -2.51
CA CYS A 9 0.69 2.02 -1.67
C CYS A 9 0.41 0.56 -2.00
N ARG A 10 -0.81 0.29 -2.46
CA ARG A 10 -1.20 -1.07 -2.83
C ARG A 10 -0.19 -1.70 -3.79
N IYR A 11 0.38 -0.87 -4.66
CA IYR A 11 1.36 -1.34 -5.63
CB IYR A 11 2.00 -0.16 -6.43
CC IYR A 11 2.86 -0.62 -7.59
CD IYR A 11 4.25 -0.48 -7.54
CE IYR A 11 5.04 -0.92 -8.60
IE IYR A 11 7.18 -0.68 -8.46
CF IYR A 11 4.49 -1.52 -9.73
OF IYR A 11 5.18 -1.97 -10.82
CG IYR A 11 3.09 -1.66 -9.77
CH IYR A 11 2.29 -1.22 -8.72
C IYR A 11 2.47 -2.03 -4.82
O IYR A 11 2.91 -3.13 -5.15
H IYR A 11 0.13 0.08 -4.64
HA IYR A 11 0.85 -2.04 -6.31
HB2 IYR A 11 1.17 0.46 -6.80
HB3 IYR A 11 2.59 0.44 -5.73
HD IYR A 11 4.71 -0.02 -6.67
HF IYR A 11 4.94 -1.48 -11.64
HG IYR A 11 2.66 -2.12 -10.66
HH IYR A 11 1.21 -1.35 -8.78
N GLN A 12 2.91 -1.35 -3.76
CA GLN A 12 3.98 -1.90 -2.90
C GLN A 12 3.45 -2.17 -1.50
N CYS A 13 2.75 -3.29 -1.35
CA CYS A 13 2.19 -3.67 -0.05
C CYS A 13 3.25 -4.32 0.83
N TYR A 14 4.20 -5.01 0.20
CA TYR A 14 5.26 -5.68 0.91
C TYR A 14 6.50 -4.79 1.03
N LYS A 15 6.26 -3.49 1.19
CA LYS A 15 7.34 -2.53 1.31
C LYS A 15 8.33 -2.96 2.39
N GLU A 1 4.13 -0.11 7.09
CA GLU A 1 3.08 0.79 6.66
C GLU A 1 1.72 0.10 6.68
N GLY A 2 0.66 0.89 6.48
CA GLY A 2 -0.68 0.33 6.50
C GLY A 2 -1.63 1.11 5.61
N CYS A 3 -1.26 1.26 4.34
CA CYS A 3 -2.09 1.99 3.38
C CYS A 3 -2.39 1.13 2.16
N CYS A 4 -2.39 -0.19 2.35
CA CYS A 4 -2.66 -1.12 1.27
C CYS A 4 -3.94 -0.74 0.53
N THR A 5 -4.90 -0.21 1.28
CA THR A 5 -6.18 0.21 0.69
C THR A 5 -5.98 1.26 -0.39
N ASP A 6 -5.01 2.13 -0.17
CA ASP A 6 -4.71 3.19 -1.13
C ASP A 6 -4.17 2.61 -2.44
N PRO A 7 -4.40 3.33 -3.54
CA PRO A 7 -3.94 2.90 -4.87
C PRO A 7 -2.43 2.99 -5.02
N ARG A 8 -1.87 4.11 -4.60
CA ARG A 8 -0.42 4.32 -4.68
C ARG A 8 0.32 3.34 -3.78
N CYS A 9 -0.25 3.09 -2.61
CA CYS A 9 0.36 2.17 -1.64
C CYS A 9 0.11 0.72 -2.04
N ARG A 10 -1.01 0.48 -2.71
CA ARG A 10 -1.37 -0.87 -3.15
C ARG A 10 -0.23 -1.50 -3.94
N IYR A 11 0.50 -0.66 -4.67
CA IYR A 11 1.63 -1.14 -5.48
CB IYR A 11 2.44 0.05 -6.10
CC IYR A 11 3.11 -0.30 -7.41
CD IYR A 11 4.39 -0.85 -7.43
CE IYR A 11 5.01 -1.20 -8.63
IE IYR A 11 6.99 -2.05 -8.59
CF IYR A 11 4.36 -1.01 -9.85
OF IYR A 11 4.88 -1.30 -11.10
CG IYR A 11 3.07 -0.46 -9.83
CH IYR A 11 2.46 -0.11 -8.64
C IYR A 11 2.56 -1.90 -4.52
O IYR A 11 3.01 -3.00 -4.83
H IYR A 11 0.29 0.29 -4.66
HA IYR A 11 1.23 -1.78 -6.27
HB2 IYR A 11 1.74 0.89 -6.24
HB3 IYR A 11 3.19 0.38 -5.37
HD IYR A 11 4.92 -1.01 -6.49
HF IYR A 11 4.24 -1.86 -11.63
HG IYR A 11 2.58 -0.30 -10.78
HH IYR A 11 1.46 0.32 -8.65
N GLN A 12 2.83 -1.30 -3.37
CA GLN A 12 3.70 -1.92 -2.37
C GLN A 12 3.01 -1.96 -1.01
N CYS A 13 2.45 -3.11 -0.67
CA CYS A 13 1.76 -3.29 0.61
C CYS A 13 2.71 -3.85 1.66
N TYR A 14 3.64 -4.69 1.22
CA TYR A 14 4.60 -5.30 2.13
C TYR A 14 5.90 -4.49 2.16
N LYS A 15 5.77 -3.17 2.08
CA LYS A 15 6.93 -2.29 2.10
C LYS A 15 7.85 -2.63 3.26
N GLU A 1 0.74 -0.59 8.98
CA GLU A 1 0.83 0.37 7.89
C GLU A 1 -0.54 0.56 7.23
N GLY A 2 -1.12 1.74 7.39
CA GLY A 2 -2.41 2.03 6.81
C GLY A 2 -2.30 2.63 5.42
N CYS A 3 -1.43 2.04 4.60
CA CYS A 3 -1.24 2.53 3.23
C CYS A 3 -1.61 1.45 2.22
N CYS A 4 -1.46 0.19 2.61
CA CYS A 4 -1.78 -0.93 1.74
C CYS A 4 -3.17 -0.76 1.13
N THR A 5 -4.09 -0.20 1.91
CA THR A 5 -5.46 0.01 1.45
C THR A 5 -5.49 0.99 0.28
N ASP A 6 -4.60 1.98 0.30
CA ASP A 6 -4.54 2.97 -0.77
C ASP A 6 -4.06 2.34 -2.07
N PRO A 7 -4.48 2.92 -3.20
CA PRO A 7 -4.10 2.43 -4.53
C PRO A 7 -2.63 2.67 -4.84
N ARG A 8 -2.16 3.88 -4.56
CA ARG A 8 -0.77 4.23 -4.81
C ARG A 8 0.17 3.34 -4.01
N CYS A 9 -0.20 3.06 -2.76
CA CYS A 9 0.61 2.23 -1.89
C CYS A 9 0.36 0.75 -2.17
N ARG A 10 -0.82 0.43 -2.68
CA ARG A 10 -1.19 -0.94 -2.99
C ARG A 10 -0.13 -1.59 -3.89
N IYR A 11 0.46 -0.80 -4.77
CA IYR A 11 1.50 -1.30 -5.67
CB IYR A 11 2.14 -0.15 -6.51
CC IYR A 11 2.93 -0.65 -7.70
CD IYR A 11 4.32 -0.64 -7.69
CE IYR A 11 5.05 -1.11 -8.78
IE IYR A 11 7.22 -1.09 -8.70
CF IYR A 11 4.41 -1.61 -9.92
OF IYR A 11 5.03 -2.09 -11.05
CG IYR A 11 3.01 -1.61 -9.93
CH IYR A 11 2.28 -1.14 -8.84
C IYR A 11 2.60 -1.91 -4.77
O IYR A 11 3.06 -3.02 -5.02
H IYR A 11 0.20 0.14 -4.82
HA IYR A 11 1.04 -2.05 -6.34
HB2 IYR A 11 1.32 0.51 -6.84
HB3 IYR A 11 2.79 0.43 -5.85
HD IYR A 11 4.85 -0.26 -6.82
HF IYR A 11 4.84 -1.52 -11.84
HG IYR A 11 2.52 -1.99 -10.81
HH IYR A 11 1.20 -1.15 -8.88
N GLN A 12 2.98 -1.16 -3.75
CA GLN A 12 4.01 -1.62 -2.82
C GLN A 12 3.44 -1.83 -1.42
N CYS A 13 2.76 -2.96 -1.23
CA CYS A 13 2.16 -3.28 0.05
C CYS A 13 3.13 -4.10 0.92
N TYR A 14 3.95 -4.92 0.26
CA TYR A 14 4.91 -5.76 0.96
C TYR A 14 6.27 -5.06 1.06
N LYS A 15 6.24 -3.75 1.23
CA LYS A 15 7.46 -2.97 1.33
C LYS A 15 8.42 -3.59 2.36
N GLU A 1 0.61 -1.78 8.41
CA GLU A 1 0.68 -0.42 7.88
C GLU A 1 -0.62 -0.04 7.18
N GLY A 2 -1.09 1.18 7.46
CA GLY A 2 -2.31 1.65 6.84
C GLY A 2 -2.09 2.30 5.49
N CYS A 3 -1.36 1.60 4.62
CA CYS A 3 -1.07 2.11 3.29
C CYS A 3 -1.67 1.21 2.22
N CYS A 4 -1.80 -0.07 2.54
CA CYS A 4 -2.36 -1.04 1.61
C CYS A 4 -3.67 -0.54 1.01
N THR A 5 -4.46 0.15 1.84
CA THR A 5 -5.74 0.69 1.39
C THR A 5 -5.56 1.66 0.23
N ASP A 6 -4.46 2.40 0.25
CA ASP A 6 -4.17 3.36 -0.82
C ASP A 6 -3.77 2.65 -2.10
N PRO A 7 -4.06 3.29 -3.24
CA PRO A 7 -3.76 2.73 -4.56
C PRO A 7 -2.26 2.70 -4.84
N ARG A 8 -1.57 3.79 -4.54
CA ARG A 8 -0.14 3.89 -4.76
C ARG A 8 0.61 2.86 -3.91
N CYS A 9 0.18 2.71 -2.66
CA CYS A 9 0.81 1.76 -1.74
C CYS A 9 0.36 0.34 -2.04
N ARG A 10 -0.88 0.20 -2.51
CA ARG A 10 -1.43 -1.12 -2.83
C ARG A 10 -0.49 -1.88 -3.77
N IYR A 11 0.14 -1.14 -4.69
CA IYR A 11 1.05 -1.75 -5.65
CB IYR A 11 1.76 -0.67 -6.53
CC IYR A 11 2.84 -1.25 -7.43
CD IYR A 11 4.19 -0.95 -7.21
CE IYR A 11 5.18 -1.50 -8.03
IE IYR A 11 7.25 -1.01 -7.64
CF IYR A 11 4.85 -2.35 -9.09
OF IYR A 11 5.75 -2.94 -9.96
CG IYR A 11 3.50 -2.64 -9.30
CH IYR A 11 2.51 -2.11 -8.49
C IYR A 11 2.13 -2.47 -4.82
O IYR A 11 2.39 -3.65 -5.01
H IYR A 11 -0.02 -0.17 -4.71
HA IYR A 11 0.49 -2.44 -6.29
HB2 IYR A 11 0.99 -0.17 -7.13
HB3 IYR A 11 2.20 0.08 -5.86
HD IYR A 11 4.47 -0.29 -6.40
HF IYR A 11 5.42 -2.90 -10.90
HG IYR A 11 3.25 -3.29 -10.13
HH IYR A 11 1.47 -2.35 -8.68
N GLN A 12 2.75 -1.73 -3.90
CA GLN A 12 3.79 -2.30 -3.04
C GLN A 12 3.38 -2.23 -1.57
N CYS A 13 2.53 -3.16 -1.15
CA CYS A 13 2.06 -3.20 0.23
C CYS A 13 3.21 -3.51 1.19
N TYR A 14 4.13 -4.35 0.73
CA TYR A 14 5.28 -4.73 1.55
C TYR A 14 6.50 -3.86 1.23
N LYS A 15 6.23 -2.59 0.92
CA LYS A 15 7.30 -1.65 0.60
C LYS A 15 8.40 -1.68 1.66
#